data_5M71
#
_entry.id   5M71
#
_cell.length_a   58.733
_cell.length_b   72.917
_cell.length_c   109.925
_cell.angle_alpha   90.00
_cell.angle_beta   90.00
_cell.angle_gamma   90.00
#
_symmetry.space_group_name_H-M   'P 21 21 21'
#
loop_
_entity.id
_entity.type
_entity.pdbx_description
1 polymer 'cAMP-dependent protein kinase catalytic subunit alpha'
2 polymer 'cAMP-dependent protein kinase inhibitor alpha'
3 non-polymer 5-[[(2~{R})-2-methyl-1,4-diazepan-4-ium-1-yl]sulfonyl]isoquinoline
4 non-polymer METHANOL
5 water water
#
loop_
_entity_poly.entity_id
_entity_poly.type
_entity_poly.pdbx_seq_one_letter_code
_entity_poly.pdbx_strand_id
1 'polypeptide(L)'
;GHMGNAAAAKKG(SEP)EQESVKEFLAKAKEEFLKKWESPSQNTAQLDHFDRIKTLGTGSFGRVMLVKHKETGNHYAMKI
LDKQKVVKLKQIEHTLNEKRILQAVNFPFLVKLEFSFKDNSNLYMVMEYVPGGEMFSHLRRIGRFSEPHARFYAAQIVLT
FEYLHSLDLIYRDLKPENLLIDQQGYIQVTDFGFAKRVKGRTW(TPO)LCGTPEYLAPEIILSKGYNKAVDWWALGVLIY
EMAAGYPPFFADQPIQIYEKIVSGKVRFPSHFSSDLKDLLRNLLQVDLTKRFGNLKNGVNDIKNHKWFATTDWIAIYQRK
VEAPFIPKFKGPGDTSNFDDYEEEEIRV(SEP)INEKCGKEFTEF
;
A
2 'polypeptide(L)' TTYADFIASGRTGRRNAIHD B
#
loop_
_chem_comp.id
_chem_comp.type
_chem_comp.name
_chem_comp.formula
7K7 non-polymer 5-[[(2~{R})-2-methyl-1,4-diazepan-4-ium-1-yl]sulfonyl]isoquinoline 'C15 H20 N3 O2 S 1'
MOH non-polymer METHANOL 'C H4 O'
#
# COMPACT_ATOMS: atom_id res chain seq x y z
N GLY A 1 -16.61 -30.78 -15.47
CA GLY A 1 -15.96 -29.46 -15.34
C GLY A 1 -15.03 -29.44 -14.15
N HIS A 2 -14.53 -28.27 -13.79
CA HIS A 2 -13.54 -28.24 -12.71
C HIS A 2 -14.17 -28.39 -11.33
N MET A 3 -15.39 -27.90 -11.15
CA MET A 3 -16.08 -28.00 -9.87
C MET A 3 -17.33 -28.84 -10.02
N GLY A 4 -17.56 -29.71 -9.03
CA GLY A 4 -18.83 -30.36 -8.85
C GLY A 4 -19.85 -29.39 -8.28
N ASN A 5 -21.07 -29.88 -8.12
CA ASN A 5 -22.19 -29.00 -7.79
C ASN A 5 -21.98 -28.26 -6.47
N ALA A 6 -21.47 -28.96 -5.44
CA ALA A 6 -21.36 -28.34 -4.13
C ALA A 6 -20.31 -27.23 -4.14
N ALA A 7 -19.16 -27.50 -4.75
CA ALA A 7 -18.11 -26.50 -4.81
C ALA A 7 -18.54 -25.31 -5.66
N ALA A 8 -19.25 -25.56 -6.75
CA ALA A 8 -19.70 -24.46 -7.60
C ALA A 8 -20.71 -23.59 -6.85
N ALA A 9 -21.62 -24.22 -6.12
CA ALA A 9 -22.61 -23.45 -5.37
C ALA A 9 -21.95 -22.62 -4.28
N LYS A 10 -20.96 -23.20 -3.59
CA LYS A 10 -20.28 -22.50 -2.51
C LYS A 10 -19.52 -21.30 -3.06
N LYS A 11 -18.83 -21.50 -4.19
CA LYS A 11 -18.10 -20.38 -4.79
C LYS A 11 -19.06 -19.28 -5.24
N GLY A 12 -20.15 -19.65 -5.89
CA GLY A 12 -21.12 -18.68 -6.35
C GLY A 12 -21.67 -17.85 -5.20
N SEP A 13 -22.03 -18.51 -4.11
CA SEP A 13 -22.56 -17.83 -2.96
CB SEP A 13 -23.04 -18.85 -1.94
OG SEP A 13 -23.28 -18.24 -0.70
C SEP A 13 -21.51 -16.88 -2.35
O SEP A 13 -21.84 -15.75 -1.93
P SEP A 13 -24.55 -18.80 0.13
O1P SEP A 13 -24.41 -18.03 1.53
O2P SEP A 13 -24.37 -20.37 0.26
O3P SEP A 13 -25.92 -18.44 -0.63
H SEP A 13 -21.97 -19.37 -4.02
HA SEP A 13 -23.33 -17.29 -3.24
HB2 SEP A 13 -22.36 -19.54 -1.83
HB3 SEP A 13 -23.87 -19.25 -2.25
N GLU A 14 -20.27 -17.34 -2.30
CA GLU A 14 -19.18 -16.53 -1.77
C GLU A 14 -19.00 -15.25 -2.61
N GLN A 15 -19.08 -15.41 -3.93
CA GLN A 15 -18.88 -14.27 -4.81
C GLN A 15 -20.05 -13.30 -4.70
N GLU A 16 -21.27 -13.81 -4.56
CA GLU A 16 -22.42 -12.93 -4.35
C GLU A 16 -22.33 -12.20 -3.01
N SER A 17 -21.84 -12.86 -1.97
N SER A 17 -21.83 -12.87 -1.97
CA SER A 17 -21.66 -12.20 -0.68
CA SER A 17 -21.65 -12.23 -0.67
C SER A 17 -20.61 -11.09 -0.73
C SER A 17 -20.64 -11.08 -0.76
N VAL A 18 -19.57 -11.24 -1.54
CA VAL A 18 -18.61 -10.16 -1.72
C VAL A 18 -19.31 -8.93 -2.29
N LYS A 19 -20.16 -9.15 -3.32
CA LYS A 19 -20.89 -8.04 -3.91
C LYS A 19 -21.71 -7.31 -2.86
N GLU A 20 -22.36 -8.07 -1.98
CA GLU A 20 -23.21 -7.47 -0.96
C GLU A 20 -22.38 -6.67 0.05
N PHE A 21 -21.24 -7.21 0.46
CA PHE A 21 -20.33 -6.49 1.35
C PHE A 21 -19.85 -5.21 0.70
N LEU A 22 -19.45 -5.28 -0.56
CA LEU A 22 -18.89 -4.09 -1.22
C LEU A 22 -19.95 -3.02 -1.40
N ALA A 23 -21.20 -3.40 -1.66
CA ALA A 23 -22.24 -2.40 -1.78
C ALA A 23 -22.42 -1.63 -0.47
N LYS A 24 -22.40 -2.33 0.66
CA LYS A 24 -22.52 -1.64 1.93
C LYS A 24 -21.29 -0.79 2.22
N ALA A 25 -20.12 -1.34 1.91
CA ALA A 25 -18.88 -0.61 2.14
C ALA A 25 -18.85 0.68 1.36
N LYS A 26 -19.39 0.68 0.14
CA LYS A 26 -19.41 1.90 -0.66
C LYS A 26 -20.35 2.93 -0.05
N GLU A 27 -21.53 2.50 0.39
CA GLU A 27 -22.45 3.40 1.05
C GLU A 27 -21.79 4.10 2.22
N GLU A 28 -21.07 3.34 3.06
CA GLU A 28 -20.42 3.92 4.23
C GLU A 28 -19.29 4.84 3.83
N PHE A 29 -18.50 4.44 2.83
CA PHE A 29 -17.41 5.29 2.34
C PHE A 29 -17.96 6.63 1.85
N LEU A 30 -19.01 6.59 1.05
CA LEU A 30 -19.50 7.83 0.45
C LEU A 30 -20.02 8.81 1.50
N LYS A 31 -20.58 8.31 2.61
CA LYS A 31 -21.03 9.23 3.65
C LYS A 31 -19.86 10.00 4.25
N LYS A 32 -18.75 9.31 4.54
CA LYS A 32 -17.59 9.96 5.13
C LYS A 32 -16.84 10.80 4.11
N TRP A 33 -16.83 10.36 2.86
CA TRP A 33 -16.18 11.10 1.78
C TRP A 33 -16.82 12.47 1.62
N GLU A 34 -18.15 12.53 1.75
CA GLU A 34 -18.89 13.77 1.51
C GLU A 34 -18.91 14.68 2.73
N SER A 35 -18.66 14.15 3.92
CA SER A 35 -18.67 14.95 5.15
C SER A 35 -17.46 14.56 6.00
N PRO A 36 -16.26 14.96 5.58
CA PRO A 36 -15.05 14.50 6.27
C PRO A 36 -14.89 15.07 7.67
N SER A 37 -14.25 14.29 8.53
CA SER A 37 -13.96 14.74 9.88
C SER A 37 -12.75 15.66 9.88
N GLN A 38 -12.76 16.62 10.80
CA GLN A 38 -11.69 17.60 10.92
C GLN A 38 -11.45 17.91 12.39
N ASN A 39 -10.20 18.23 12.72
CA ASN A 39 -9.86 18.91 13.97
C ASN A 39 -10.27 18.11 15.20
N THR A 40 -9.85 16.85 15.23
CA THR A 40 -10.25 15.93 16.28
C THR A 40 -9.24 15.83 17.43
N ALA A 41 -8.14 16.58 17.38
CA ALA A 41 -7.22 16.65 18.52
C ALA A 41 -6.34 17.88 18.35
N GLN A 42 -5.31 18.01 19.19
CA GLN A 42 -4.33 19.09 19.08
C GLN A 42 -2.96 18.58 19.53
N LEU A 43 -1.94 19.37 19.22
CA LEU A 43 -0.55 18.92 19.39
C LEU A 43 -0.20 18.62 20.84
N ASP A 44 -0.61 19.48 21.78
CA ASP A 44 -0.23 19.28 23.17
C ASP A 44 -0.96 18.12 23.83
N HIS A 45 -1.78 17.37 23.09
CA HIS A 45 -2.33 16.12 23.62
C HIS A 45 -1.31 15.00 23.59
N PHE A 46 -0.14 15.21 22.97
CA PHE A 46 0.79 14.12 22.67
C PHE A 46 2.21 14.48 23.09
N ASP A 47 2.92 13.48 23.60
CA ASP A 47 4.35 13.57 23.80
C ASP A 47 5.04 13.04 22.55
N ARG A 48 6.04 13.76 22.05
N ARG A 48 5.99 13.82 22.05
CA ARG A 48 6.77 13.30 20.89
CA ARG A 48 6.89 13.39 21.00
C ARG A 48 8.00 12.51 21.32
C ARG A 48 7.86 12.35 21.56
N ILE A 49 8.12 11.28 20.80
CA ILE A 49 9.08 10.29 21.26
C ILE A 49 10.27 10.12 20.34
N LYS A 50 10.03 9.76 19.07
CA LYS A 50 11.13 9.39 18.17
C LYS A 50 10.64 9.45 16.74
N THR A 51 11.56 9.80 15.83
CA THR A 51 11.22 9.82 14.42
C THR A 51 11.27 8.40 13.86
N LEU A 52 10.17 7.98 13.24
CA LEU A 52 10.04 6.65 12.64
C LEU A 52 10.37 6.63 11.17
N GLY A 53 10.22 7.74 10.47
CA GLY A 53 10.50 7.82 9.05
C GLY A 53 10.56 9.25 8.58
N THR A 54 11.30 9.49 7.50
CA THR A 54 11.44 10.83 6.95
C THR A 54 11.46 10.73 5.44
N GLY A 55 11.25 11.87 4.79
CA GLY A 55 11.31 11.95 3.35
C GLY A 55 10.90 13.34 2.89
N SER A 56 10.78 13.48 1.57
CA SER A 56 10.27 14.72 1.02
C SER A 56 8.88 15.02 1.56
N PHE A 57 8.13 13.98 1.95
CA PHE A 57 6.79 14.16 2.49
C PHE A 57 6.77 14.91 3.81
N GLY A 58 7.89 14.93 4.53
CA GLY A 58 7.91 15.41 5.90
C GLY A 58 8.48 14.32 6.79
N ARG A 59 7.86 14.08 7.94
N ARG A 59 7.87 14.11 7.96
CA ARG A 59 8.33 13.03 8.81
CA ARG A 59 8.33 13.05 8.85
C ARG A 59 7.16 12.42 9.56
C ARG A 59 7.13 12.41 9.53
N VAL A 60 7.37 11.20 10.05
CA VAL A 60 6.41 10.48 10.88
C VAL A 60 7.10 10.24 12.22
N MET A 61 6.44 10.61 13.29
CA MET A 61 7.00 10.46 14.63
C MET A 61 6.13 9.55 15.47
N LEU A 62 6.78 8.70 16.25
CA LEU A 62 6.09 8.02 17.33
C LEU A 62 5.74 9.04 18.39
N VAL A 63 4.46 9.10 18.74
CA VAL A 63 3.97 9.97 19.79
C VAL A 63 3.16 9.13 20.77
N LYS A 64 2.98 9.68 21.98
CA LYS A 64 2.21 9.04 23.02
C LYS A 64 1.14 10.01 23.47
N HIS A 65 -0.11 9.54 23.48
CA HIS A 65 -1.21 10.36 23.98
C HIS A 65 -1.08 10.50 25.49
N LYS A 66 -1.10 11.73 25.98
CA LYS A 66 -0.76 12.00 27.39
C LYS A 66 -1.75 11.37 28.37
N GLU A 67 -3.03 11.29 28.01
N GLU A 67 -3.03 11.29 28.01
CA GLU A 67 -4.02 10.78 28.96
CA GLU A 67 -4.01 10.76 28.95
C GLU A 67 -4.14 9.27 28.92
C GLU A 67 -4.05 9.24 28.92
N THR A 68 -4.14 8.67 27.73
CA THR A 68 -4.34 7.23 27.61
C THR A 68 -3.03 6.47 27.66
N GLY A 69 -1.91 7.12 27.35
CA GLY A 69 -0.67 6.41 27.16
C GLY A 69 -0.59 5.63 25.87
N ASN A 70 -1.61 5.75 25.00
CA ASN A 70 -1.60 5.07 23.71
C ASN A 70 -0.59 5.70 22.78
N HIS A 71 0.13 4.86 22.07
CA HIS A 71 1.07 5.33 21.05
C HIS A 71 0.37 5.45 19.71
N TYR A 72 0.87 6.38 18.90
CA TYR A 72 0.37 6.63 17.55
C TYR A 72 1.56 7.04 16.69
N ALA A 73 1.35 7.00 15.37
CA ALA A 73 2.33 7.48 14.40
C ALA A 73 1.81 8.80 13.83
N MET A 74 2.53 9.90 14.08
CA MET A 74 2.08 11.23 13.69
C MET A 74 2.86 11.71 12.47
N LYS A 75 2.17 11.84 11.34
CA LYS A 75 2.76 12.41 10.14
C LYS A 75 2.66 13.93 10.21
N ILE A 76 3.80 14.58 10.05
CA ILE A 76 3.91 16.03 10.16
C ILE A 76 4.35 16.57 8.81
N LEU A 77 3.52 17.44 8.23
CA LEU A 77 3.84 18.09 6.96
C LEU A 77 3.92 19.60 7.17
N ASP A 78 4.97 20.20 6.62
N ASP A 78 4.96 20.20 6.61
CA ASP A 78 5.14 21.65 6.65
CA ASP A 78 5.13 21.64 6.65
C ASP A 78 4.32 22.25 5.51
C ASP A 78 4.31 22.24 5.50
N LYS A 79 3.32 23.06 5.86
CA LYS A 79 2.43 23.61 4.83
C LYS A 79 3.20 24.34 3.74
N GLN A 80 4.23 25.11 4.12
CA GLN A 80 5.01 25.84 3.12
C GLN A 80 5.77 24.89 2.20
N LYS A 81 6.30 23.79 2.74
CA LYS A 81 7.01 22.82 1.90
C LYS A 81 6.07 22.08 0.97
N VAL A 82 4.86 21.77 1.44
CA VAL A 82 3.87 21.11 0.60
C VAL A 82 3.54 21.97 -0.61
N VAL A 83 3.33 23.27 -0.38
CA VAL A 83 3.04 24.20 -1.47
C VAL A 83 4.20 24.24 -2.45
N LYS A 84 5.43 24.31 -1.94
CA LYS A 84 6.59 24.47 -2.80
C LYS A 84 6.81 23.25 -3.70
N LEU A 85 6.49 22.05 -3.19
CA LEU A 85 6.64 20.83 -3.97
C LEU A 85 5.39 20.48 -4.76
N LYS A 86 4.44 21.41 -4.85
CA LYS A 86 3.23 21.21 -5.67
C LYS A 86 2.42 20.00 -5.20
N GLN A 87 2.26 19.85 -3.88
CA GLN A 87 1.58 18.68 -3.32
C GLN A 87 0.32 19.04 -2.53
N ILE A 88 -0.26 20.22 -2.76
CA ILE A 88 -1.48 20.58 -2.03
C ILE A 88 -2.59 19.56 -2.26
N GLU A 89 -2.91 19.30 -3.54
CA GLU A 89 -4.05 18.43 -3.82
C GLU A 89 -3.80 17.01 -3.32
N HIS A 90 -2.58 16.49 -3.53
CA HIS A 90 -2.25 15.15 -3.06
C HIS A 90 -2.37 15.04 -1.55
N THR A 91 -1.95 16.09 -0.83
CA THR A 91 -1.99 16.07 0.63
C THR A 91 -3.43 16.10 1.13
N LEU A 92 -4.25 17.00 0.56
CA LEU A 92 -5.66 17.05 0.97
C LEU A 92 -6.36 15.74 0.64
N ASN A 93 -6.10 15.20 -0.55
CA ASN A 93 -6.72 13.96 -0.98
C ASN A 93 -6.32 12.79 -0.08
N GLU A 94 -5.04 12.71 0.30
CA GLU A 94 -4.62 11.60 1.16
C GLU A 94 -5.40 11.58 2.46
N LYS A 95 -5.54 12.74 3.10
CA LYS A 95 -6.26 12.81 4.36
C LYS A 95 -7.75 12.52 4.15
N ARG A 96 -8.32 13.02 3.06
CA ARG A 96 -9.72 12.76 2.80
C ARG A 96 -9.97 11.28 2.60
N ILE A 97 -9.07 10.60 1.88
CA ILE A 97 -9.23 9.16 1.67
C ILE A 97 -9.12 8.44 3.01
N LEU A 98 -8.09 8.76 3.78
CA LEU A 98 -7.81 8.02 5.01
C LEU A 98 -8.95 8.14 6.00
N GLN A 99 -9.57 9.30 6.08
CA GLN A 99 -10.68 9.43 7.03
C GLN A 99 -11.96 8.78 6.52
N ALA A 100 -12.06 8.44 5.23
CA ALA A 100 -13.29 7.88 4.68
C ALA A 100 -13.27 6.36 4.54
N VAL A 101 -12.10 5.75 4.41
CA VAL A 101 -12.02 4.31 4.17
C VAL A 101 -12.05 3.56 5.49
N ASN A 102 -12.36 2.26 5.39
CA ASN A 102 -12.44 1.39 6.56
C ASN A 102 -12.23 -0.03 6.07
N PHE A 103 -11.09 -0.62 6.38
CA PHE A 103 -10.78 -1.97 5.97
C PHE A 103 -9.68 -2.49 6.87
N PRO A 104 -9.62 -3.80 7.15
CA PRO A 104 -8.70 -4.26 8.21
C PRO A 104 -7.24 -4.14 7.88
N PHE A 105 -6.88 -3.95 6.61
CA PHE A 105 -5.50 -3.83 6.16
C PHE A 105 -5.15 -2.41 5.72
N LEU A 106 -6.02 -1.43 6.01
CA LEU A 106 -5.75 -0.01 5.75
C LEU A 106 -5.57 0.70 7.06
N VAL A 107 -4.48 1.46 7.20
CA VAL A 107 -4.19 2.11 8.47
C VAL A 107 -5.31 3.08 8.82
N LYS A 108 -5.61 3.18 10.11
CA LYS A 108 -6.67 4.07 10.55
C LYS A 108 -6.11 5.42 10.97
N LEU A 109 -6.76 6.45 10.49
CA LEU A 109 -6.46 7.80 10.91
C LEU A 109 -7.27 8.04 12.18
N GLU A 110 -6.58 8.17 13.30
CA GLU A 110 -7.27 8.29 14.58
C GLU A 110 -7.59 9.74 14.91
N PHE A 111 -6.72 10.67 14.52
CA PHE A 111 -6.94 12.09 14.71
C PHE A 111 -6.30 12.84 13.56
N SER A 112 -6.79 14.04 13.31
CA SER A 112 -6.09 14.97 12.45
C SER A 112 -6.38 16.38 12.92
N PHE A 113 -5.43 17.26 12.65
CA PHE A 113 -5.56 18.67 13.01
C PHE A 113 -4.44 19.44 12.29
N LYS A 114 -4.48 20.77 12.42
CA LYS A 114 -3.46 21.64 11.85
C LYS A 114 -3.23 22.80 12.81
N ASP A 115 -2.11 23.50 12.60
CA ASP A 115 -1.77 24.71 13.35
C ASP A 115 -1.21 25.74 12.38
N ASN A 116 -0.58 26.79 12.90
CA ASN A 116 -0.11 27.86 12.02
C ASN A 116 0.87 27.34 10.97
N SER A 117 1.68 26.34 11.30
CA SER A 117 2.75 25.92 10.41
C SER A 117 2.52 24.59 9.73
N ASN A 118 1.89 23.63 10.40
CA ASN A 118 1.94 22.25 9.97
C ASN A 118 0.55 21.63 9.89
N LEU A 119 0.50 20.51 9.16
CA LEU A 119 -0.61 19.59 9.12
C LEU A 119 -0.19 18.32 9.85
N TYR A 120 -1.14 17.70 10.55
CA TYR A 120 -0.84 16.53 11.36
C TYR A 120 -1.87 15.46 11.08
N MET A 121 -1.40 14.28 10.71
CA MET A 121 -2.23 13.10 10.59
C MET A 121 -1.73 12.10 11.63
N VAL A 122 -2.59 11.77 12.58
CA VAL A 122 -2.24 10.86 13.68
C VAL A 122 -2.87 9.50 13.39
N MET A 123 -2.01 8.54 13.05
CA MET A 123 -2.45 7.21 12.64
C MET A 123 -2.10 6.20 13.71
N GLU A 124 -2.76 5.03 13.63
CA GLU A 124 -2.35 3.94 14.49
C GLU A 124 -0.88 3.67 14.27
N TYR A 125 -0.17 3.39 15.36
CA TYR A 125 1.22 2.97 15.26
C TYR A 125 1.26 1.50 14.89
N VAL A 126 1.95 1.20 13.80
CA VAL A 126 2.06 -0.15 13.26
C VAL A 126 3.49 -0.58 13.57
N PRO A 127 3.70 -1.40 14.59
CA PRO A 127 5.04 -1.50 15.16
C PRO A 127 5.98 -2.48 14.47
N GLY A 128 5.51 -3.25 13.50
CA GLY A 128 6.36 -4.27 12.92
C GLY A 128 7.33 -3.78 11.87
N GLY A 129 7.24 -2.53 11.46
CA GLY A 129 8.15 -2.00 10.46
C GLY A 129 7.69 -2.35 9.06
N GLU A 130 8.51 -1.94 8.09
CA GLU A 130 8.24 -2.14 6.67
C GLU A 130 8.46 -3.60 6.26
N MET A 131 7.58 -4.11 5.42
CA MET A 131 7.86 -5.38 4.76
C MET A 131 9.23 -5.37 4.11
N PHE A 132 9.60 -4.25 3.50
CA PHE A 132 10.90 -4.14 2.85
C PHE A 132 12.05 -4.65 3.73
N SER A 133 12.11 -4.20 4.98
CA SER A 133 13.20 -4.57 5.88
C SER A 133 13.24 -6.06 6.10
N HIS A 134 12.08 -6.64 6.41
CA HIS A 134 12.01 -8.08 6.66
C HIS A 134 12.38 -8.87 5.40
N LEU A 135 11.94 -8.41 4.24
CA LEU A 135 12.23 -9.11 3.01
C LEU A 135 13.72 -9.10 2.70
N ARG A 136 14.35 -7.92 2.82
CA ARG A 136 15.78 -7.86 2.53
C ARG A 136 16.59 -8.65 3.55
N ARG A 137 16.12 -8.70 4.80
CA ARG A 137 16.85 -9.44 5.83
C ARG A 137 16.73 -10.95 5.64
N ILE A 138 15.50 -11.44 5.49
CA ILE A 138 15.23 -12.87 5.32
C ILE A 138 15.70 -13.32 3.94
N GLY A 139 15.68 -12.41 2.96
CA GLY A 139 16.12 -12.71 1.61
C GLY A 139 14.96 -12.86 0.65
N ARG A 140 14.13 -13.86 0.91
CA ARG A 140 12.89 -14.06 0.16
C ARG A 140 11.93 -14.77 1.09
N PHE A 141 10.64 -14.64 0.79
CA PHE A 141 9.58 -15.31 1.52
C PHE A 141 9.22 -16.62 0.82
N SER A 142 8.91 -17.66 1.61
CA SER A 142 8.35 -18.89 1.04
C SER A 142 7.04 -18.57 0.32
N GLU A 143 6.63 -19.45 -0.60
CA GLU A 143 5.37 -19.21 -1.29
C GLU A 143 4.19 -19.10 -0.32
N PRO A 144 4.05 -19.94 0.70
CA PRO A 144 2.94 -19.72 1.64
C PRO A 144 2.99 -18.37 2.33
N HIS A 145 4.19 -17.90 2.67
CA HIS A 145 4.35 -16.62 3.35
C HIS A 145 4.01 -15.48 2.40
N ALA A 146 4.54 -15.53 1.17
CA ALA A 146 4.18 -14.54 0.16
C ALA A 146 2.68 -14.54 -0.11
N ARG A 147 2.07 -15.73 -0.17
CA ARG A 147 0.65 -15.85 -0.46
C ARG A 147 -0.21 -15.19 0.61
N PHE A 148 0.17 -15.37 1.88
CA PHE A 148 -0.56 -14.77 2.99
C PHE A 148 -0.62 -13.25 2.82
N TYR A 149 0.52 -12.62 2.51
CA TYR A 149 0.53 -11.18 2.24
C TYR A 149 -0.23 -10.82 0.96
N ALA A 150 -0.01 -11.59 -0.10
CA ALA A 150 -0.67 -11.31 -1.37
C ALA A 150 -2.17 -11.32 -1.23
N ALA A 151 -2.71 -12.28 -0.46
CA ALA A 151 -4.15 -12.35 -0.30
C ALA A 151 -4.69 -11.08 0.33
N GLN A 152 -3.96 -10.50 1.27
CA GLN A 152 -4.41 -9.26 1.89
C GLN A 152 -4.43 -8.12 0.89
N ILE A 153 -3.43 -8.05 0.00
CA ILE A 153 -3.43 -7.02 -1.02
C ILE A 153 -4.56 -7.23 -2.00
N VAL A 154 -4.82 -8.48 -2.40
CA VAL A 154 -5.94 -8.74 -3.30
C VAL A 154 -7.24 -8.21 -2.71
N LEU A 155 -7.52 -8.55 -1.44
CA LEU A 155 -8.75 -8.08 -0.81
C LEU A 155 -8.77 -6.56 -0.68
N THR A 156 -7.62 -5.96 -0.34
CA THR A 156 -7.56 -4.51 -0.20
C THR A 156 -7.82 -3.80 -1.53
N PHE A 157 -7.24 -4.31 -2.63
CA PHE A 157 -7.51 -3.72 -3.93
C PHE A 157 -8.95 -3.99 -4.38
N GLU A 158 -9.50 -5.16 -4.08
CA GLU A 158 -10.91 -5.39 -4.37
C GLU A 158 -11.77 -4.33 -3.70
N TYR A 159 -11.50 -4.03 -2.43
CA TYR A 159 -12.20 -2.99 -1.70
C TYR A 159 -11.96 -1.61 -2.32
N LEU A 160 -10.69 -1.22 -2.52
CA LEU A 160 -10.41 0.13 -3.03
C LEU A 160 -11.01 0.32 -4.42
N HIS A 161 -10.82 -0.67 -5.30
CA HIS A 161 -11.35 -0.55 -6.66
C HIS A 161 -12.87 -0.43 -6.68
N SER A 162 -13.56 -1.07 -5.73
CA SER A 162 -15.01 -0.94 -5.65
C SER A 162 -15.42 0.48 -5.35
N LEU A 163 -14.56 1.25 -4.67
CA LEU A 163 -14.75 2.67 -4.37
C LEU A 163 -14.23 3.58 -5.48
N ASP A 164 -13.79 2.99 -6.60
CA ASP A 164 -13.19 3.72 -7.71
C ASP A 164 -11.87 4.37 -7.34
N LEU A 165 -11.17 3.83 -6.34
CA LEU A 165 -9.85 4.32 -5.96
C LEU A 165 -8.78 3.46 -6.62
N ILE A 166 -7.92 4.08 -7.42
CA ILE A 166 -6.70 3.45 -7.92
C ILE A 166 -5.59 3.80 -6.93
N TYR A 167 -4.78 2.82 -6.56
CA TYR A 167 -3.81 2.96 -5.48
C TYR A 167 -2.48 3.54 -5.95
N ARG A 168 -1.83 2.87 -6.91
CA ARG A 168 -0.68 3.39 -7.66
C ARG A 168 0.63 3.50 -6.89
N ASP A 169 0.72 3.02 -5.65
CA ASP A 169 1.93 3.17 -4.85
C ASP A 169 2.35 1.87 -4.19
N LEU A 170 2.01 0.70 -4.76
CA LEU A 170 2.35 -0.57 -4.14
C LEU A 170 3.82 -0.89 -4.27
N LYS A 171 4.45 -1.23 -3.15
CA LYS A 171 5.81 -1.74 -3.08
C LYS A 171 6.09 -2.14 -1.63
N PRO A 172 7.09 -3.00 -1.39
CA PRO A 172 7.33 -3.45 0.00
C PRO A 172 7.69 -2.32 0.96
N GLU A 173 8.30 -1.24 0.45
CA GLU A 173 8.59 -0.06 1.25
C GLU A 173 7.34 0.57 1.86
N ASN A 174 6.18 0.39 1.21
CA ASN A 174 4.96 1.05 1.62
C ASN A 174 4.00 0.14 2.35
N LEU A 175 4.45 -1.03 2.75
CA LEU A 175 3.60 -1.99 3.45
C LEU A 175 4.21 -2.22 4.83
N LEU A 176 3.43 -1.99 5.86
CA LEU A 176 3.87 -2.22 7.23
C LEU A 176 3.29 -3.53 7.75
N ILE A 177 3.97 -4.11 8.72
CA ILE A 177 3.53 -5.34 9.38
C ILE A 177 3.09 -5.00 10.80
N ASP A 178 1.91 -5.45 11.18
CA ASP A 178 1.37 -5.13 12.49
C ASP A 178 1.74 -6.21 13.51
N GLN A 179 1.28 -6.03 14.76
CA GLN A 179 1.69 -6.92 15.83
C GLN A 179 1.21 -8.35 15.61
N GLN A 180 0.14 -8.56 14.84
CA GLN A 180 -0.34 -9.89 14.53
C GLN A 180 0.22 -10.44 13.23
N GLY A 181 1.13 -9.72 12.58
CA GLY A 181 1.73 -10.23 11.35
C GLY A 181 0.98 -9.90 10.09
N TYR A 182 -0.09 -9.11 10.19
CA TYR A 182 -0.90 -8.73 9.04
C TYR A 182 -0.39 -7.39 8.48
N ILE A 183 -0.79 -7.10 7.22
CA ILE A 183 -0.32 -5.93 6.50
C ILE A 183 -1.17 -4.72 6.82
N GLN A 184 -0.51 -3.56 6.86
CA GLN A 184 -1.16 -2.25 6.87
C GLN A 184 -0.64 -1.41 5.72
N VAL A 185 -1.56 -0.93 4.88
CA VAL A 185 -1.30 0.03 3.81
C VAL A 185 -1.52 1.43 4.37
N THR A 186 -0.54 2.35 4.18
CA THR A 186 -0.57 3.66 4.86
C THR A 186 -0.62 4.88 3.93
N ASP A 187 0.02 4.80 2.77
CA ASP A 187 0.26 5.97 1.93
C ASP A 187 -0.78 6.09 0.83
N PHE A 188 -1.48 7.20 0.79
CA PHE A 188 -2.53 7.43 -0.18
C PHE A 188 -2.32 8.69 -0.99
N GLY A 189 -1.10 9.23 -0.99
CA GLY A 189 -0.82 10.46 -1.72
C GLY A 189 -0.97 10.33 -3.23
N PHE A 190 -0.69 9.15 -3.78
CA PHE A 190 -0.85 8.95 -5.22
C PHE A 190 -2.20 8.33 -5.58
N ALA A 191 -3.04 8.00 -4.60
CA ALA A 191 -4.31 7.37 -4.94
C ALA A 191 -5.24 8.40 -5.57
N LYS A 192 -6.12 7.92 -6.45
CA LYS A 192 -7.03 8.81 -7.15
C LYS A 192 -8.38 8.13 -7.30
N ARG A 193 -9.46 8.87 -7.05
CA ARG A 193 -10.79 8.33 -7.21
C ARG A 193 -11.22 8.67 -8.61
N VAL A 194 -11.19 7.69 -9.50
CA VAL A 194 -11.61 7.88 -10.89
C VAL A 194 -12.21 6.58 -11.41
N LYS A 195 -13.35 6.69 -12.06
CA LYS A 195 -14.04 5.51 -12.57
C LYS A 195 -13.44 5.00 -13.88
N GLY A 196 -12.89 5.90 -14.70
CA GLY A 196 -12.41 5.52 -16.01
C GLY A 196 -10.90 5.50 -16.12
N ARG A 197 -10.36 6.38 -16.95
CA ARG A 197 -8.93 6.44 -17.15
C ARG A 197 -8.33 7.67 -16.50
N THR A 198 -7.01 7.60 -16.31
CA THR A 198 -6.24 8.73 -15.84
C THR A 198 -4.87 8.67 -16.50
N TRP A 199 -4.09 9.75 -16.38
CA TRP A 199 -2.88 9.88 -17.18
C TRP A 199 -1.56 10.21 -16.47
N TPO A 200 -1.60 10.45 -15.17
CA TPO A 200 -0.39 10.94 -14.51
CB TPO A 200 -0.71 11.39 -13.07
CG2 TPO A 200 0.54 12.05 -12.45
OG1 TPO A 200 -1.74 12.36 -13.10
P TPO A 200 -3.10 11.90 -12.37
O1P TPO A 200 -4.14 12.99 -12.85
O2P TPO A 200 -2.88 11.90 -10.90
O3P TPO A 200 -3.47 10.47 -12.92
C TPO A 200 0.74 9.92 -14.50
O TPO A 200 0.53 8.75 -14.15
H TPO A 200 -2.28 10.34 -14.67
HA TPO A 200 -0.06 11.73 -14.99
HB TPO A 200 -1.01 10.53 -12.49
HG21 TPO A 200 0.30 12.36 -11.43
HG22 TPO A 200 0.82 12.92 -13.04
HG23 TPO A 200 1.36 11.34 -12.43
N LEU A 201 1.95 10.36 -14.82
CA LEU A 201 3.13 9.54 -14.65
C LEU A 201 3.54 9.58 -13.18
N CYS A 202 3.25 8.50 -12.46
CA CYS A 202 3.57 8.44 -11.04
C CYS A 202 3.76 6.98 -10.64
N GLY A 203 4.57 6.78 -9.62
CA GLY A 203 4.84 5.48 -9.08
C GLY A 203 6.33 5.28 -8.92
N THR A 204 6.72 4.02 -8.78
CA THR A 204 8.12 3.65 -8.57
C THR A 204 8.59 2.80 -9.76
N PRO A 205 9.78 3.06 -10.32
CA PRO A 205 10.11 2.45 -11.62
C PRO A 205 9.86 0.95 -11.72
N GLU A 206 10.35 0.17 -10.76
CA GLU A 206 10.23 -1.29 -10.81
C GLU A 206 8.77 -1.75 -10.82
N TYR A 207 7.86 -0.94 -10.33
CA TYR A 207 6.47 -1.31 -10.14
C TYR A 207 5.54 -0.69 -11.18
N LEU A 208 6.07 0.05 -12.16
CA LEU A 208 5.21 0.72 -13.13
C LEU A 208 4.71 -0.25 -14.19
N ALA A 209 3.41 -0.18 -14.48
CA ALA A 209 2.84 -0.95 -15.56
C ALA A 209 3.27 -0.38 -16.91
N PRO A 210 3.35 -1.22 -17.94
CA PRO A 210 3.77 -0.73 -19.26
C PRO A 210 2.96 0.44 -19.75
N GLU A 211 1.64 0.43 -19.55
CA GLU A 211 0.81 1.49 -20.09
C GLU A 211 1.12 2.82 -19.44
N ILE A 212 1.62 2.84 -18.19
CA ILE A 212 2.07 4.09 -17.59
C ILE A 212 3.34 4.57 -18.29
N ILE A 213 4.33 3.68 -18.41
CA ILE A 213 5.58 4.01 -19.11
C ILE A 213 5.32 4.54 -20.51
N LEU A 214 4.36 3.95 -21.20
CA LEU A 214 4.11 4.32 -22.59
C LEU A 214 3.18 5.51 -22.74
N SER A 215 2.94 6.24 -21.66
CA SER A 215 2.20 7.51 -21.72
C SER A 215 0.79 7.30 -22.25
N LYS A 216 0.20 6.16 -21.89
CA LYS A 216 -1.18 5.90 -22.25
C LYS A 216 -2.10 6.38 -21.13
N GLY A 217 -3.36 6.59 -21.49
CA GLY A 217 -4.39 6.57 -20.46
C GLY A 217 -4.44 5.17 -19.85
N TYR A 218 -4.64 5.12 -18.54
CA TYR A 218 -4.65 3.82 -17.86
C TYR A 218 -5.73 3.78 -16.78
N ASN A 219 -5.94 2.58 -16.26
CA ASN A 219 -7.04 2.34 -15.33
C ASN A 219 -6.54 1.48 -14.18
N LYS A 220 -7.48 0.97 -13.39
CA LYS A 220 -7.14 0.22 -12.18
C LYS A 220 -6.33 -1.04 -12.47
N ALA A 221 -6.23 -1.49 -13.72
CA ALA A 221 -5.40 -2.63 -14.03
C ALA A 221 -3.92 -2.42 -13.70
N VAL A 222 -3.47 -1.17 -13.57
CA VAL A 222 -2.07 -0.95 -13.17
C VAL A 222 -1.82 -1.48 -11.76
N ASP A 223 -2.83 -1.48 -10.90
CA ASP A 223 -2.63 -2.02 -9.56
C ASP A 223 -2.45 -3.54 -9.61
N TRP A 224 -3.14 -4.22 -10.53
CA TRP A 224 -2.98 -5.68 -10.65
C TRP A 224 -1.63 -6.05 -11.25
N TRP A 225 -1.13 -5.25 -12.18
CA TRP A 225 0.26 -5.40 -12.62
C TRP A 225 1.21 -5.26 -11.42
N ALA A 226 1.02 -4.20 -10.62
CA ALA A 226 1.91 -3.98 -9.49
C ALA A 226 1.83 -5.13 -8.49
N LEU A 227 0.64 -5.74 -8.33
CA LEU A 227 0.56 -6.92 -7.48
C LEU A 227 1.45 -8.03 -7.99
N GLY A 228 1.47 -8.24 -9.31
CA GLY A 228 2.38 -9.23 -9.88
C GLY A 228 3.83 -8.94 -9.55
N VAL A 229 4.24 -7.68 -9.66
CA VAL A 229 5.60 -7.32 -9.29
C VAL A 229 5.86 -7.64 -7.82
N LEU A 230 4.90 -7.29 -6.94
CA LEU A 230 5.08 -7.50 -5.51
C LEU A 230 5.20 -8.99 -5.18
N ILE A 231 4.31 -9.81 -5.74
CA ILE A 231 4.36 -11.24 -5.48
C ILE A 231 5.69 -11.81 -5.95
N TYR A 232 6.10 -11.43 -7.17
CA TYR A 232 7.40 -11.87 -7.67
C TYR A 232 8.52 -11.48 -6.69
N GLU A 233 8.56 -10.21 -6.28
CA GLU A 233 9.65 -9.78 -5.42
C GLU A 233 9.62 -10.48 -4.06
N MET A 234 8.42 -10.67 -3.49
CA MET A 234 8.32 -11.38 -2.22
C MET A 234 8.87 -12.80 -2.34
N ALA A 235 8.55 -13.49 -3.44
CA ALA A 235 8.91 -14.90 -3.58
C ALA A 235 10.34 -15.10 -4.09
N ALA A 236 10.88 -14.16 -4.86
CA ALA A 236 12.24 -14.25 -5.40
C ALA A 236 13.28 -13.55 -4.56
N GLY A 237 12.89 -12.48 -3.86
CA GLY A 237 13.82 -11.60 -3.16
C GLY A 237 14.32 -10.44 -3.99
N TYR A 238 13.96 -10.39 -5.26
CA TYR A 238 14.28 -9.28 -6.15
C TYR A 238 13.12 -9.15 -7.13
N PRO A 239 12.93 -7.96 -7.71
CA PRO A 239 11.79 -7.75 -8.60
C PRO A 239 12.03 -8.32 -9.99
N PRO A 240 10.97 -8.42 -10.79
CA PRO A 240 11.08 -9.06 -12.12
C PRO A 240 11.86 -8.23 -13.12
N PHE A 241 11.85 -6.91 -12.96
CA PHE A 241 12.51 -6.01 -13.91
C PHE A 241 13.41 -5.06 -13.12
N PHE A 242 14.71 -5.16 -13.32
CA PHE A 242 15.64 -4.24 -12.67
C PHE A 242 16.82 -4.00 -13.60
N ALA A 243 17.55 -2.94 -13.31
CA ALA A 243 18.69 -2.48 -14.11
C ALA A 243 19.33 -1.31 -13.35
N ASP A 244 20.46 -0.84 -13.87
CA ASP A 244 21.18 0.25 -13.22
C ASP A 244 20.35 1.52 -13.18
N GLN A 245 19.59 1.79 -14.23
CA GLN A 245 18.91 3.06 -14.37
C GLN A 245 17.47 2.82 -14.80
N PRO A 246 16.55 3.67 -14.35
CA PRO A 246 15.14 3.50 -14.73
C PRO A 246 14.88 3.28 -16.22
N ILE A 247 15.53 4.03 -17.12
CA ILE A 247 15.23 3.84 -18.55
C ILE A 247 15.40 2.38 -18.96
N GLN A 248 16.43 1.71 -18.45
CA GLN A 248 16.65 0.31 -18.78
C GLN A 248 15.60 -0.57 -18.15
N ILE A 249 15.13 -0.20 -16.96
CA ILE A 249 14.05 -0.94 -16.34
C ILE A 249 12.80 -0.86 -17.22
N TYR A 250 12.50 0.34 -17.74
CA TYR A 250 11.29 0.50 -18.55
C TYR A 250 11.34 -0.33 -19.82
N GLU A 251 12.52 -0.43 -20.46
CA GLU A 251 12.66 -1.26 -21.65
C GLU A 251 12.29 -2.70 -21.35
N LYS A 252 12.73 -3.22 -20.20
CA LYS A 252 12.41 -4.60 -19.84
C LYS A 252 10.92 -4.75 -19.54
N ILE A 253 10.34 -3.79 -18.80
CA ILE A 253 8.92 -3.86 -18.49
C ILE A 253 8.07 -3.94 -19.76
N VAL A 254 8.34 -3.08 -20.73
CA VAL A 254 7.49 -3.05 -21.92
C VAL A 254 7.75 -4.23 -22.86
N SER A 255 8.88 -4.94 -22.71
CA SER A 255 9.30 -6.00 -23.63
C SER A 255 8.34 -7.20 -23.72
N GLY A 256 7.55 -7.48 -22.70
CA GLY A 256 6.74 -8.67 -22.70
C GLY A 256 7.47 -9.93 -22.31
N LYS A 257 8.69 -9.83 -21.78
CA LYS A 257 9.46 -10.96 -21.30
C LYS A 257 9.71 -10.83 -19.81
N VAL A 258 9.53 -11.93 -19.10
CA VAL A 258 9.85 -12.08 -17.69
C VAL A 258 10.45 -13.47 -17.51
N ARG A 259 11.43 -13.59 -16.62
CA ARG A 259 12.04 -14.85 -16.27
C ARG A 259 11.86 -15.09 -14.78
N PHE A 260 11.84 -16.37 -14.41
CA PHE A 260 11.51 -16.79 -13.06
C PHE A 260 12.61 -17.64 -12.45
N PRO A 261 12.85 -17.50 -11.14
CA PRO A 261 13.74 -18.44 -10.43
C PRO A 261 13.27 -19.87 -10.58
N SER A 262 14.23 -20.81 -10.55
CA SER A 262 13.89 -22.21 -10.73
C SER A 262 13.04 -22.77 -9.59
N HIS A 263 13.04 -22.11 -8.43
CA HIS A 263 12.24 -22.60 -7.31
C HIS A 263 10.78 -22.14 -7.34
N PHE A 264 10.39 -21.25 -8.26
CA PHE A 264 8.99 -20.86 -8.36
C PHE A 264 8.16 -22.04 -8.83
N SER A 265 7.04 -22.28 -8.16
CA SER A 265 6.11 -23.32 -8.57
C SER A 265 5.47 -22.96 -9.90
N SER A 266 4.99 -23.98 -10.60
N SER A 266 4.99 -23.99 -10.59
CA SER A 266 4.29 -23.74 -11.85
CA SER A 266 4.27 -23.80 -11.84
C SER A 266 3.05 -22.89 -11.63
C SER A 266 3.05 -22.92 -11.63
N ASP A 267 2.33 -23.11 -10.52
CA ASP A 267 1.16 -22.29 -10.23
C ASP A 267 1.54 -20.83 -10.09
N LEU A 268 2.65 -20.55 -9.40
CA LEU A 268 3.08 -19.17 -9.22
C LEU A 268 3.45 -18.54 -10.56
N LYS A 269 4.18 -19.27 -11.40
CA LYS A 269 4.57 -18.71 -12.69
C LYS A 269 3.34 -18.42 -13.54
N ASP A 270 2.33 -19.29 -13.49
CA ASP A 270 1.15 -19.03 -14.30
C ASP A 270 0.41 -17.79 -13.82
N LEU A 271 0.27 -17.64 -12.50
CA LEU A 271 -0.37 -16.43 -11.98
C LEU A 271 0.41 -15.19 -12.41
N LEU A 272 1.74 -15.23 -12.26
CA LEU A 272 2.54 -14.05 -12.58
C LEU A 272 2.52 -13.72 -14.06
N ARG A 273 2.50 -14.73 -14.94
CA ARG A 273 2.39 -14.42 -16.38
C ARG A 273 1.07 -13.74 -16.70
N ASN A 274 0.02 -14.04 -15.93
CA ASN A 274 -1.27 -13.42 -16.16
C ASN A 274 -1.42 -12.05 -15.50
N LEU A 275 -0.67 -11.77 -14.43
CA LEU A 275 -0.65 -10.43 -13.84
C LEU A 275 0.32 -9.52 -14.57
N LEU A 276 1.51 -10.02 -14.88
CA LEU A 276 2.54 -9.28 -15.61
C LEU A 276 2.35 -9.41 -17.12
N GLN A 277 1.11 -9.20 -17.51
CA GLN A 277 0.66 -9.31 -18.89
C GLN A 277 0.63 -7.89 -19.48
N VAL A 278 1.49 -7.66 -20.49
CA VAL A 278 1.55 -6.33 -21.10
C VAL A 278 0.26 -5.99 -21.84
N ASP A 279 -0.41 -6.99 -22.40
CA ASP A 279 -1.63 -6.76 -23.16
C ASP A 279 -2.79 -6.61 -22.20
N LEU A 280 -3.33 -5.40 -22.11
CA LEU A 280 -4.40 -5.11 -21.17
C LEU A 280 -5.62 -5.98 -21.42
N THR A 281 -5.87 -6.39 -22.66
CA THR A 281 -7.04 -7.21 -22.93
C THR A 281 -6.92 -8.61 -22.35
N LYS A 282 -5.76 -8.94 -21.79
CA LYS A 282 -5.50 -10.28 -21.32
C LYS A 282 -5.10 -10.31 -19.86
N ARG A 283 -4.96 -9.16 -19.20
CA ARG A 283 -4.39 -9.13 -17.87
C ARG A 283 -5.43 -9.49 -16.83
N PHE A 284 -5.06 -10.40 -15.93
CA PHE A 284 -5.95 -10.77 -14.83
C PHE A 284 -6.23 -9.54 -13.97
N GLY A 285 -7.47 -9.48 -13.50
CA GLY A 285 -7.97 -8.32 -12.82
C GLY A 285 -8.65 -7.35 -13.75
N ASN A 286 -8.47 -7.50 -15.07
CA ASN A 286 -9.00 -6.58 -16.06
C ASN A 286 -9.93 -7.25 -17.06
N LEU A 287 -10.35 -8.48 -16.78
CA LEU A 287 -11.20 -9.24 -17.69
C LEU A 287 -12.64 -9.22 -17.17
N LYS A 288 -13.53 -9.87 -17.92
CA LYS A 288 -14.95 -9.86 -17.55
C LYS A 288 -15.18 -10.41 -16.15
N ASN A 289 -14.42 -11.45 -15.76
N ASN A 289 -14.45 -11.46 -15.76
CA ASN A 289 -14.51 -12.10 -14.46
CA ASN A 289 -14.59 -12.06 -14.43
C ASN A 289 -13.82 -11.30 -13.35
C ASN A 289 -13.86 -11.27 -13.33
N GLY A 290 -13.22 -10.16 -13.68
CA GLY A 290 -12.71 -9.26 -12.65
C GLY A 290 -11.73 -9.91 -11.68
N VAL A 291 -11.91 -9.60 -10.39
CA VAL A 291 -10.96 -10.07 -9.39
C VAL A 291 -11.06 -11.57 -9.20
N ASN A 292 -12.16 -12.17 -9.63
CA ASN A 292 -12.33 -13.60 -9.45
C ASN A 292 -11.30 -14.42 -10.22
N ASP A 293 -10.76 -13.92 -11.34
CA ASP A 293 -9.72 -14.67 -12.04
C ASP A 293 -8.50 -14.82 -11.15
N ILE A 294 -8.24 -13.84 -10.28
CA ILE A 294 -7.14 -13.92 -9.34
C ILE A 294 -7.50 -14.80 -8.14
N LYS A 295 -8.62 -14.51 -7.48
CA LYS A 295 -8.98 -15.21 -6.26
C LYS A 295 -9.18 -16.70 -6.51
N ASN A 296 -9.60 -17.08 -7.72
CA ASN A 296 -9.89 -18.47 -8.03
C ASN A 296 -8.72 -19.17 -8.72
N HIS A 297 -7.57 -18.50 -8.82
CA HIS A 297 -6.41 -19.11 -9.46
C HIS A 297 -5.84 -20.21 -8.57
N LYS A 298 -5.28 -21.23 -9.21
CA LYS A 298 -4.70 -22.36 -8.48
C LYS A 298 -3.70 -21.94 -7.39
N TRP A 299 -2.90 -20.90 -7.62
CA TRP A 299 -1.92 -20.52 -6.60
C TRP A 299 -2.61 -20.13 -5.30
N PHE A 300 -3.85 -19.67 -5.36
CA PHE A 300 -4.63 -19.28 -4.18
C PHE A 300 -5.61 -20.36 -3.72
N ALA A 301 -5.48 -21.59 -4.22
CA ALA A 301 -6.46 -22.63 -3.91
C ALA A 301 -6.58 -22.90 -2.41
N THR A 302 -5.49 -22.75 -1.65
CA THR A 302 -5.53 -22.99 -0.22
C THR A 302 -5.93 -21.76 0.58
N THR A 303 -6.21 -20.64 -0.07
CA THR A 303 -6.54 -19.42 0.64
C THR A 303 -8.02 -19.39 1.03
N ASP A 304 -8.28 -19.20 2.31
CA ASP A 304 -9.63 -18.98 2.83
C ASP A 304 -9.82 -17.47 2.90
N TRP A 305 -10.45 -16.91 1.87
CA TRP A 305 -10.54 -15.47 1.75
C TRP A 305 -11.25 -14.83 2.93
N ILE A 306 -12.34 -15.43 3.42
CA ILE A 306 -13.05 -14.85 4.56
C ILE A 306 -12.18 -14.93 5.82
N ALA A 307 -11.45 -16.03 5.99
CA ALA A 307 -10.61 -16.16 7.17
C ALA A 307 -9.50 -15.12 7.17
N ILE A 308 -8.96 -14.80 5.98
CA ILE A 308 -7.97 -13.72 5.89
C ILE A 308 -8.61 -12.39 6.29
N TYR A 309 -9.77 -12.08 5.71
CA TYR A 309 -10.47 -10.83 6.03
C TYR A 309 -10.75 -10.73 7.52
N GLN A 310 -11.18 -11.84 8.14
CA GLN A 310 -11.51 -11.87 9.56
C GLN A 310 -10.28 -11.91 10.45
N ARG A 311 -9.09 -12.01 9.85
CA ARG A 311 -7.83 -12.05 10.59
C ARG A 311 -7.77 -13.26 11.51
N LYS A 312 -8.34 -14.37 11.06
CA LYS A 312 -8.35 -15.60 11.85
C LYS A 312 -7.28 -16.58 11.42
N VAL A 313 -6.52 -16.26 10.38
CA VAL A 313 -5.41 -17.09 9.92
C VAL A 313 -4.17 -16.75 10.74
N GLU A 314 -3.45 -17.77 11.20
CA GLU A 314 -2.21 -17.55 11.95
C GLU A 314 -1.12 -17.06 10.99
N ALA A 315 -0.54 -15.89 11.28
CA ALA A 315 0.44 -15.34 10.38
C ALA A 315 1.71 -16.20 10.39
N PRO A 316 2.40 -16.30 9.25
CA PRO A 316 3.62 -17.11 9.22
C PRO A 316 4.80 -16.45 9.90
N PHE A 317 4.74 -15.15 10.17
CA PHE A 317 5.84 -14.40 10.74
C PHE A 317 5.27 -13.31 11.65
N ILE A 318 5.78 -13.22 12.86
CA ILE A 318 5.35 -12.22 13.83
C ILE A 318 6.56 -11.36 14.15
N PRO A 319 6.54 -10.05 13.86
CA PRO A 319 7.69 -9.21 14.21
C PRO A 319 7.96 -9.22 15.71
N LYS A 320 9.24 -9.11 16.06
CA LYS A 320 9.62 -8.94 17.45
C LYS A 320 8.88 -7.74 18.03
N PHE A 321 8.31 -7.93 19.21
CA PHE A 321 7.52 -6.90 19.88
C PHE A 321 7.94 -6.85 21.35
N LYS A 322 8.67 -5.80 21.71
CA LYS A 322 9.16 -5.62 23.08
C LYS A 322 8.26 -4.71 23.90
N GLY A 323 7.06 -4.39 23.41
CA GLY A 323 6.10 -3.64 24.19
C GLY A 323 5.61 -2.41 23.44
N PRO A 324 4.58 -1.75 23.98
CA PRO A 324 4.14 -0.49 23.40
C PRO A 324 5.29 0.51 23.35
N GLY A 325 5.32 1.30 22.29
CA GLY A 325 6.36 2.29 22.10
C GLY A 325 7.68 1.74 21.60
N ASP A 326 7.82 0.43 21.45
CA ASP A 326 9.05 -0.13 20.93
C ASP A 326 9.20 0.21 19.45
N THR A 327 10.35 0.75 19.07
CA THR A 327 10.61 1.20 17.71
C THR A 327 11.71 0.41 17.02
N SER A 328 12.05 -0.77 17.54
CA SER A 328 13.22 -1.48 17.05
C SER A 328 13.06 -1.99 15.62
N ASN A 329 11.84 -2.02 15.08
CA ASN A 329 11.64 -2.46 13.70
C ASN A 329 11.75 -1.31 12.71
N PHE A 330 12.09 -0.10 13.18
CA PHE A 330 12.26 1.06 12.33
C PHE A 330 13.70 1.57 12.46
N ASP A 331 14.12 2.30 11.44
CA ASP A 331 15.47 2.85 11.40
C ASP A 331 15.57 4.05 12.35
N ASP A 332 16.81 4.48 12.55
CA ASP A 332 17.10 5.66 13.36
C ASP A 332 17.34 6.85 12.46
N TYR A 333 16.76 7.98 12.84
CA TYR A 333 16.82 9.20 12.07
C TYR A 333 17.23 10.36 12.97
N GLU A 334 17.92 11.34 12.38
CA GLU A 334 18.29 12.53 13.12
C GLU A 334 17.03 13.28 13.52
N GLU A 335 16.93 13.64 14.79
CA GLU A 335 15.75 14.29 15.34
C GLU A 335 15.85 15.79 15.11
N GLU A 336 14.77 16.38 14.57
CA GLU A 336 14.72 17.80 14.26
C GLU A 336 13.56 18.44 15.01
N GLU A 337 13.75 19.69 15.42
CA GLU A 337 12.72 20.42 16.13
C GLU A 337 11.46 20.55 15.28
N ILE A 338 10.36 20.84 15.96
CA ILE A 338 9.05 21.02 15.33
C ILE A 338 8.63 22.46 15.60
N ARG A 339 8.81 23.32 14.60
CA ARG A 339 8.58 24.75 14.75
C ARG A 339 7.13 25.09 14.47
N VAL A 340 6.52 25.86 15.37
CA VAL A 340 5.19 26.39 15.13
C VAL A 340 5.23 27.91 15.14
N SEP A 341 5.28 28.49 13.95
CA SEP A 341 5.31 29.95 13.80
CB SEP A 341 5.32 30.29 12.31
OG SEP A 341 5.03 31.65 12.07
C SEP A 341 4.13 30.63 14.48
O SEP A 341 3.07 30.05 14.65
P SEP A 341 6.39 32.53 12.02
O1P SEP A 341 6.07 33.86 11.17
O2P SEP A 341 6.85 32.89 13.52
O3P SEP A 341 7.57 31.76 11.27
H SEP A 341 5.29 28.07 13.20
HA SEP A 341 6.14 30.29 14.20
HB2 SEP A 341 4.65 29.75 11.85
HB3 SEP A 341 6.19 30.08 11.94
N ILE A 342 4.33 31.89 14.89
CA ILE A 342 3.25 32.67 15.50
C ILE A 342 2.27 33.19 14.45
N ASN A 343 2.61 33.02 13.17
CA ASN A 343 1.81 33.54 12.07
C ASN A 343 1.30 32.38 11.22
N GLU A 344 0.00 32.38 10.95
CA GLU A 344 -0.59 31.32 10.13
C GLU A 344 0.01 31.35 8.73
N LYS A 345 0.27 30.17 8.18
CA LYS A 345 0.89 30.04 6.87
C LYS A 345 -0.01 29.20 5.98
N CYS A 346 -0.24 29.68 4.75
CA CYS A 346 -0.95 28.91 3.73
C CYS A 346 -2.36 28.50 4.20
N GLY A 347 -3.07 29.43 4.84
CA GLY A 347 -4.35 29.08 5.43
C GLY A 347 -5.41 28.71 4.41
N LYS A 348 -5.61 29.54 3.40
CA LYS A 348 -6.67 29.29 2.42
C LYS A 348 -6.46 27.95 1.72
N GLU A 349 -5.21 27.65 1.37
CA GLU A 349 -4.90 26.41 0.66
C GLU A 349 -5.45 25.19 1.41
N PHE A 350 -5.37 25.20 2.74
CA PHE A 350 -5.62 24.02 3.55
C PHE A 350 -6.90 24.12 4.38
N THR A 351 -7.82 25.01 3.99
CA THR A 351 -9.11 25.11 4.66
C THR A 351 -9.78 23.75 4.83
N GLU A 352 -9.66 22.87 3.84
CA GLU A 352 -10.39 21.61 3.90
C GLU A 352 -9.75 20.59 4.82
N PHE A 353 -8.49 20.79 5.19
CA PHE A 353 -7.80 19.82 6.03
C PHE A 353 -8.38 19.77 7.45
N THR B 1 24.86 -14.50 -12.01
CA THR B 1 23.51 -14.99 -11.70
C THR B 1 22.53 -13.83 -11.55
N THR B 2 21.24 -14.14 -11.50
CA THR B 2 20.25 -13.08 -11.40
C THR B 2 20.42 -12.30 -10.10
N TYR B 3 20.64 -13.02 -8.99
CA TYR B 3 20.87 -12.35 -7.71
C TYR B 3 22.06 -11.41 -7.78
N ALA B 4 23.17 -11.89 -8.37
CA ALA B 4 24.35 -11.03 -8.49
C ALA B 4 24.04 -9.82 -9.35
N ASP B 5 23.25 -10.00 -10.42
CA ASP B 5 22.85 -8.85 -11.22
C ASP B 5 22.05 -7.84 -10.40
N PHE B 6 21.18 -8.34 -9.51
CA PHE B 6 20.39 -7.46 -8.68
C PHE B 6 21.30 -6.65 -7.76
N ILE B 7 22.27 -7.31 -7.12
CA ILE B 7 23.22 -6.59 -6.28
C ILE B 7 23.96 -5.54 -7.10
N ALA B 8 24.36 -5.88 -8.32
CA ALA B 8 25.14 -4.97 -9.16
C ALA B 8 24.34 -3.77 -9.63
N SER B 9 23.00 -3.88 -9.67
CA SER B 9 22.14 -2.80 -10.15
C SER B 9 22.21 -1.55 -9.28
N GLY B 10 22.64 -1.69 -8.02
CA GLY B 10 22.62 -0.55 -7.12
C GLY B 10 21.23 -0.19 -6.64
N ARG B 11 20.23 -1.00 -6.96
CA ARG B 11 18.85 -0.70 -6.58
C ARG B 11 18.29 -1.70 -5.59
N THR B 12 19.11 -2.07 -4.60
CA THR B 12 18.68 -2.99 -3.55
C THR B 12 18.11 -2.29 -2.32
N GLY B 13 18.31 -0.96 -2.21
CA GLY B 13 17.80 -0.19 -1.10
C GLY B 13 16.39 0.33 -1.37
N ARG B 14 15.90 1.12 -0.43
CA ARG B 14 14.56 1.67 -0.60
C ARG B 14 14.51 2.55 -1.84
N ARG B 15 13.45 2.36 -2.63
CA ARG B 15 13.31 2.98 -3.94
C ARG B 15 12.39 4.18 -3.84
N ASN B 16 12.83 5.30 -4.40
CA ASN B 16 11.98 6.49 -4.42
C ASN B 16 10.97 6.41 -5.56
N ALA B 17 9.83 7.04 -5.35
CA ALA B 17 8.91 7.26 -6.45
C ALA B 17 9.48 8.30 -7.41
N ILE B 18 8.86 8.35 -8.60
CA ILE B 18 9.30 9.22 -9.69
C ILE B 18 9.33 10.68 -9.26
N HIS B 19 8.27 11.15 -8.60
CA HIS B 19 8.21 12.57 -8.27
C HIS B 19 9.35 13.00 -7.35
N ASP B 20 9.96 12.08 -6.62
CA ASP B 20 11.06 12.39 -5.72
C ASP B 20 12.40 12.31 -6.45
C2 7K7 C . 7.05 4.24 3.76
O1 7K7 C . 6.56 3.93 8.17
C9 7K7 C . 1.76 5.27 9.40
C10 7K7 C . 2.16 5.95 8.29
C4 7K7 C . 6.35 6.86 5.79
C3 7K7 C . 6.88 6.70 4.32
C8 7K7 C . 2.69 4.58 10.22
C7 7K7 C . 4.07 4.62 9.87
C6 7K7 C . 4.43 5.30 8.67
C5 7K7 C . 5.17 7.81 5.66
S 7K7 C . 6.07 5.27 8.04
O 7K7 C . 6.79 6.35 8.64
N 7K7 C . 5.96 5.58 6.43
N1 7K7 C . 7.75 5.51 4.09
C1 7K7 C . 6.36 3.61 4.96
C 7K7 C . 5.34 4.56 5.57
C11 7K7 C . 3.49 5.95 7.91
C12 7K7 C . 2.34 3.82 11.35
N2 7K7 C . 3.20 3.18 12.12
C13 7K7 C . 4.50 3.26 11.80
C14 7K7 C . 4.98 3.94 10.73
C MOH D . -10.53 8.98 -23.01
O MOH D . -11.32 8.77 -21.84
#